data_4K8D
#
_entry.id   4K8D
#
_cell.length_a   86.922
_cell.length_b   86.922
_cell.length_c   137.190
_cell.angle_alpha   90.00
_cell.angle_beta   90.00
_cell.angle_gamma   90.00
#
_symmetry.space_group_name_H-M   'P 43 21 2'
#
loop_
_entity.id
_entity.type
_entity.pdbx_description
1 polymer 'Mercuric reductase'
2 non-polymer 'SULFATE ION'
3 non-polymer GLYCEROL
4 non-polymer 'FLAVIN-ADENINE DINUCLEOTIDE'
5 non-polymer 'NADPH DIHYDRO-NICOTINAMIDE-ADENINE-DINUCLEOTIDE PHOSPHATE'
6 non-polymer 'UNKNOWN ATOM OR ION'
7 water water
#
_entity_poly.entity_id   1
_entity_poly.type   'polypeptide(L)'
_entity_poly.pdbx_seq_one_letter_code
;MEPPVQVAVIGSGGAAMAAALKAVEQGAQVTLIERGTIGGTCVNVGCVPSKIMIRAAHIAHLRRESPFDGGIAATVPTID
RSKLLAQQQARVDELRHAKYEGILGGNPAITVVHGEARFKDDQSLTVRLNEGGERVVMFDRCLVATGASPAVPPIPGLKE
SPYWTSTEALASDTIPERLAVIGSSVVALELAQAFARLGSKVTVLARNTLFFREDPAIGEAVTAAFRAEGIEVLEHTQAS
QVAHMDGEFVLTTTHGELRADKLLVATGRTPNTRSLALDAAGVTVNAQGAIVIDQGMRTSNPNIYAAGDCTDQPQFVYVA
AAAGTRAAINMTGGDAALDLTAMPAVVFTDPQVATVGYSEAEAHHDGIETDSRTLTLDNVPRALANFDTRGFIKLVIEEG
SHRLIGVQAVAPEAGELIQTAALAIRNRMTVQELADQLFPYLTMVEGLKLAAQTFNKDVKQLSAAAG
;
_entity_poly.pdbx_strand_id   A
#
# COMPACT_ATOMS: atom_id res chain seq x y z
N GLU A 2 0.58 27.28 32.34
CA GLU A 2 0.68 26.52 31.06
C GLU A 2 0.42 25.02 31.29
N PRO A 3 -0.85 24.64 31.57
CA PRO A 3 -1.19 23.22 31.77
C PRO A 3 -0.96 22.37 30.53
N PRO A 4 -0.59 21.09 30.70
CA PRO A 4 -0.42 20.25 29.53
C PRO A 4 -1.69 20.21 28.66
N VAL A 5 -1.49 20.28 27.34
CA VAL A 5 -2.60 20.19 26.42
C VAL A 5 -3.10 18.75 26.48
N GLN A 6 -4.42 18.59 26.54
CA GLN A 6 -5.06 17.27 26.55
C GLN A 6 -5.39 16.86 25.12
N VAL A 7 -4.64 15.90 24.60
CA VAL A 7 -4.79 15.47 23.23
C VAL A 7 -5.42 14.08 23.24
N ALA A 8 -6.52 13.93 22.51
CA ALA A 8 -7.15 12.63 22.34
C ALA A 8 -6.78 12.13 20.95
N VAL A 9 -6.50 10.84 20.85
CA VAL A 9 -6.17 10.19 19.59
C VAL A 9 -7.09 8.97 19.43
N ILE A 10 -7.79 8.87 18.31
CA ILE A 10 -8.66 7.71 18.07
C ILE A 10 -7.96 6.84 17.05
N GLY A 11 -7.59 5.62 17.47
CA GLY A 11 -6.82 4.67 16.68
C GLY A 11 -5.49 4.38 17.32
N SER A 12 -4.79 3.36 16.81
CA SER A 12 -3.45 3.02 17.27
C SER A 12 -2.56 2.50 16.13
N GLY A 13 -2.91 2.85 14.88
CA GLY A 13 -2.15 2.46 13.70
C GLY A 13 -1.01 3.43 13.48
N GLY A 14 -0.48 3.47 12.25
CA GLY A 14 0.68 4.29 11.94
C GLY A 14 0.49 5.77 12.18
N ALA A 15 -0.70 6.28 11.86
CA ALA A 15 -1.01 7.70 12.08
C ALA A 15 -1.11 8.01 13.56
N ALA A 16 -1.88 7.21 14.28
CA ALA A 16 -2.12 7.45 15.71
C ALA A 16 -0.85 7.33 16.55
N MET A 17 -0.04 6.32 16.28
CA MET A 17 1.22 6.12 17.01
C MET A 17 2.17 7.30 16.84
N ALA A 18 2.34 7.73 15.60
CA ALA A 18 3.24 8.83 15.29
C ALA A 18 2.77 10.11 15.98
N ALA A 19 1.46 10.33 15.95
CA ALA A 19 0.87 11.51 16.58
C ALA A 19 1.02 11.49 18.10
N ALA A 20 0.74 10.33 18.70
CA ALA A 20 0.78 10.18 20.16
C ALA A 20 2.19 10.47 20.67
N LEU A 21 3.18 9.85 20.05
CA LEU A 21 4.57 10.04 20.44
C LEU A 21 5.03 11.48 20.27
N LYS A 22 4.69 12.09 19.14
CA LYS A 22 5.07 13.48 18.89
C LYS A 22 4.37 14.44 19.85
N ALA A 23 3.08 14.23 20.09
CA ALA A 23 2.32 15.02 21.05
C ALA A 23 2.98 15.01 22.44
N VAL A 24 3.35 13.81 22.89
CA VAL A 24 4.04 13.64 24.17
C VAL A 24 5.37 14.41 24.17
N GLU A 25 6.18 14.19 23.13
CA GLU A 25 7.43 14.92 22.96
C GLU A 25 7.23 16.44 23.02
N GLN A 26 6.09 16.92 22.52
CA GLN A 26 5.75 18.34 22.56
C GLN A 26 5.06 18.78 23.86
N GLY A 27 5.00 17.88 24.84
CA GLY A 27 4.56 18.22 26.19
C GLY A 27 3.09 17.98 26.50
N ALA A 28 2.38 17.27 25.62
CA ALA A 28 0.97 17.01 25.82
C ALA A 28 0.75 15.71 26.59
N GLN A 29 -0.45 15.59 27.17
CA GLN A 29 -0.90 14.35 27.74
C GLN A 29 -1.89 13.76 26.76
N VAL A 30 -1.67 12.51 26.40
CA VAL A 30 -2.43 11.82 25.36
C VAL A 30 -3.36 10.78 25.97
N THR A 31 -4.60 10.78 25.49
CA THR A 31 -5.52 9.69 25.72
C THR A 31 -5.79 9.07 24.35
N LEU A 32 -5.42 7.79 24.23
CA LEU A 32 -5.54 7.06 22.97
C LEU A 32 -6.61 5.98 23.11
N ILE A 33 -7.55 5.95 22.16
CA ILE A 33 -8.70 5.06 22.22
C ILE A 33 -8.62 4.13 21.02
N GLU A 34 -8.65 2.83 21.30
CA GLU A 34 -8.55 1.81 20.27
C GLU A 34 -9.59 0.75 20.57
N ARG A 35 -10.42 0.43 19.58
CA ARG A 35 -11.50 -0.55 19.75
C ARG A 35 -11.05 -1.99 19.57
N GLY A 36 -9.97 -2.17 18.82
CA GLY A 36 -9.48 -3.51 18.47
C GLY A 36 -8.07 -3.78 18.92
N THR A 37 -7.33 -4.54 18.12
CA THR A 37 -5.96 -4.87 18.46
C THR A 37 -5.06 -3.64 18.32
N ILE A 38 -4.20 -3.42 19.32
CA ILE A 38 -3.25 -2.34 19.26
C ILE A 38 -2.34 -2.50 18.04
N GLY A 39 -2.14 -1.40 17.35
CA GLY A 39 -1.25 -1.36 16.19
C GLY A 39 -1.95 -1.24 14.87
N GLY A 40 -3.25 -1.42 14.85
CA GLY A 40 -4.04 -1.19 13.63
C GLY A 40 -3.65 -2.11 12.47
N THR A 41 -3.58 -1.53 11.27
CA THR A 41 -3.52 -2.33 10.05
C THR A 41 -2.14 -2.81 9.74
N CYS A 42 -1.16 -1.90 9.77
CA CYS A 42 0.16 -2.20 9.31
CA CYS A 42 0.18 -2.21 9.21
C CYS A 42 0.82 -3.39 9.93
N VAL A 43 0.89 -3.34 11.25
CA VAL A 43 1.57 -4.42 11.95
C VAL A 43 0.72 -5.71 11.96
N ASN A 44 -0.59 -5.61 12.09
CA ASN A 44 -1.42 -6.78 12.37
C ASN A 44 -1.96 -7.54 11.16
N VAL A 45 -2.46 -6.80 10.16
CA VAL A 45 -3.17 -7.41 9.02
C VAL A 45 -2.83 -6.73 7.70
N GLY A 46 -1.72 -6.00 7.67
CA GLY A 46 -1.36 -5.22 6.49
C GLY A 46 0.06 -5.44 6.03
N CYS A 47 0.84 -4.37 6.06
CA CYS A 47 2.14 -4.31 5.43
C CYS A 47 3.06 -5.44 5.88
N VAL A 48 3.19 -5.62 7.19
CA VAL A 48 4.16 -6.57 7.72
C VAL A 48 3.81 -8.02 7.37
N PRO A 49 2.62 -8.49 7.76
CA PRO A 49 2.34 -9.88 7.39
C PRO A 49 2.31 -10.15 5.88
N SER A 50 1.79 -9.20 5.10
CA SER A 50 1.79 -9.38 3.65
C SER A 50 3.20 -9.47 3.05
N LYS A 51 4.09 -8.58 3.44
CA LYS A 51 5.47 -8.63 2.89
C LYS A 51 6.19 -9.92 3.33
N ILE A 52 5.89 -10.40 4.53
CA ILE A 52 6.43 -11.72 4.95
C ILE A 52 5.97 -12.84 4.06
N MET A 53 4.66 -12.92 3.82
CA MET A 53 4.09 -13.96 2.97
C MET A 53 4.65 -13.87 1.54
N ILE A 54 4.82 -12.65 1.04
CA ILE A 54 5.37 -12.43 -0.29
C ILE A 54 6.83 -12.89 -0.39
N ARG A 55 7.61 -12.67 0.66
CA ARG A 55 8.98 -13.16 0.69
C ARG A 55 9.02 -14.69 0.72
N ALA A 56 8.15 -15.31 1.53
CA ALA A 56 8.02 -16.79 1.52
C ALA A 56 7.70 -17.26 0.11
N ALA A 57 6.76 -16.60 -0.53
CA ALA A 57 6.36 -16.90 -1.91
C ALA A 57 7.54 -16.80 -2.90
N HIS A 58 8.37 -15.78 -2.71
CA HIS A 58 9.53 -15.59 -3.56
C HIS A 58 10.50 -16.76 -3.49
N ILE A 59 10.74 -17.24 -2.27
CA ILE A 59 11.62 -18.38 -2.07
C ILE A 59 11.03 -19.62 -2.73
N ALA A 60 9.72 -19.87 -2.52
CA ALA A 60 9.02 -21.00 -3.12
C ALA A 60 9.13 -20.96 -4.63
N HIS A 61 8.94 -19.78 -5.21
CA HIS A 61 9.00 -19.59 -6.64
C HIS A 61 10.36 -19.89 -7.22
N LEU A 62 11.39 -19.34 -6.60
CA LEU A 62 12.75 -19.56 -7.09
C LEU A 62 13.24 -20.99 -6.88
N ARG A 63 12.62 -21.71 -5.95
CA ARG A 63 12.89 -23.12 -5.80
C ARG A 63 12.23 -23.90 -6.93
N ARG A 64 11.10 -23.38 -7.41
CA ARG A 64 10.35 -23.99 -8.51
C ARG A 64 10.98 -23.74 -9.89
N GLU A 65 11.46 -22.54 -10.12
CA GLU A 65 11.94 -22.13 -11.44
C GLU A 65 12.85 -20.90 -11.39
N SER A 66 13.70 -20.78 -12.41
CA SER A 66 14.63 -19.66 -12.54
C SER A 66 15.15 -19.61 -13.95
N PRO A 67 15.73 -18.46 -14.34
CA PRO A 67 16.35 -18.37 -15.66
C PRO A 67 17.63 -19.21 -15.78
N PHE A 68 18.07 -19.85 -14.69
CA PHE A 68 19.29 -20.66 -14.67
C PHE A 68 19.02 -22.16 -14.55
N ASP A 69 17.81 -22.59 -14.89
CA ASP A 69 17.42 -24.00 -14.67
C ASP A 69 18.12 -24.96 -15.63
N GLY A 70 18.67 -24.44 -16.72
CA GLY A 70 19.51 -25.25 -17.59
C GLY A 70 20.67 -25.89 -16.86
N GLY A 71 21.21 -25.17 -15.88
CA GLY A 71 22.36 -25.63 -15.13
C GLY A 71 22.17 -25.82 -13.64
N ILE A 72 21.00 -25.46 -13.11
CA ILE A 72 20.68 -25.68 -11.69
C ILE A 72 19.33 -26.40 -11.58
N ALA A 73 19.33 -27.59 -11.02
CA ALA A 73 18.12 -28.40 -10.96
C ALA A 73 17.10 -27.69 -10.08
N ALA A 74 15.82 -27.80 -10.44
CA ALA A 74 14.74 -27.21 -9.63
C ALA A 74 13.83 -28.31 -9.12
N THR A 75 13.08 -28.02 -8.06
CA THR A 75 12.12 -28.98 -7.49
C THR A 75 10.82 -28.26 -7.20
N VAL A 76 9.74 -29.01 -7.06
CA VAL A 76 8.51 -28.46 -6.53
C VAL A 76 8.64 -28.57 -5.01
N PRO A 77 8.82 -27.44 -4.30
CA PRO A 77 9.06 -27.58 -2.87
C PRO A 77 7.77 -27.89 -2.11
N THR A 78 7.84 -28.77 -1.12
CA THR A 78 6.70 -28.99 -0.22
C THR A 78 6.54 -27.75 0.67
N ILE A 79 5.29 -27.32 0.86
CA ILE A 79 4.97 -26.11 1.63
C ILE A 79 4.18 -26.50 2.87
N ASP A 80 4.65 -26.08 4.04
CA ASP A 80 3.89 -26.23 5.27
C ASP A 80 3.39 -24.87 5.69
N ARG A 81 2.17 -24.54 5.28
CA ARG A 81 1.62 -23.21 5.56
C ARG A 81 1.37 -22.97 7.05
N SER A 82 1.12 -24.04 7.81
CA SER A 82 1.03 -23.90 9.26
C SER A 82 2.31 -23.34 9.87
N LYS A 83 3.47 -23.88 9.46
CA LYS A 83 4.73 -23.37 9.95
C LYS A 83 5.03 -21.97 9.43
N LEU A 84 4.74 -21.72 8.15
CA LEU A 84 4.93 -20.36 7.62
C LEU A 84 4.06 -19.37 8.36
N LEU A 85 2.80 -19.71 8.58
CA LEU A 85 1.89 -18.82 9.30
C LEU A 85 2.38 -18.57 10.72
N ALA A 86 2.84 -19.61 11.41
CA ALA A 86 3.39 -19.43 12.76
C ALA A 86 4.59 -18.46 12.78
N GLN A 87 5.49 -18.60 11.82
CA GLN A 87 6.64 -17.70 11.72
C GLN A 87 6.19 -16.25 11.49
N GLN A 88 5.27 -16.06 10.55
CA GLN A 88 4.70 -14.76 10.20
C GLN A 88 4.06 -14.10 11.42
N GLN A 89 3.20 -14.84 12.07
CA GLN A 89 2.48 -14.33 13.25
C GLN A 89 3.41 -13.98 14.41
N ALA A 90 4.46 -14.78 14.59
CA ALA A 90 5.42 -14.50 15.66
C ALA A 90 6.13 -13.15 15.45
N ARG A 91 6.48 -12.83 14.21
CA ARG A 91 7.09 -11.55 13.93
C ARG A 91 6.07 -10.42 14.11
N VAL A 92 4.84 -10.62 13.63
CA VAL A 92 3.76 -9.65 13.87
C VAL A 92 3.59 -9.38 15.38
N ASP A 93 3.47 -10.46 16.15
CA ASP A 93 3.23 -10.34 17.59
C ASP A 93 4.41 -9.65 18.30
N GLU A 94 5.61 -10.00 17.90
CA GLU A 94 6.82 -9.41 18.46
C GLU A 94 6.92 -7.91 18.15
N LEU A 95 6.61 -7.53 16.91
CA LEU A 95 6.62 -6.13 16.52
C LEU A 95 5.53 -5.31 17.22
N ARG A 96 4.34 -5.88 17.34
CA ARG A 96 3.26 -5.20 18.07
C ARG A 96 3.68 -4.90 19.51
N HIS A 97 4.31 -5.87 20.16
CA HIS A 97 4.73 -5.71 21.56
C HIS A 97 5.81 -4.65 21.67
N ALA A 98 6.81 -4.72 20.81
CA ALA A 98 8.02 -3.88 20.93
C ALA A 98 7.77 -2.45 20.46
N LYS A 99 7.19 -2.31 19.28
CA LYS A 99 7.06 -0.99 18.63
C LYS A 99 5.73 -0.28 18.90
N TYR A 100 4.77 -0.97 19.53
CA TYR A 100 3.46 -0.37 19.81
C TYR A 100 3.08 -0.49 21.29
N GLU A 101 2.76 -1.69 21.74
CA GLU A 101 2.31 -1.89 23.13
C GLU A 101 3.33 -1.35 24.13
N GLY A 102 4.59 -1.73 23.95
CA GLY A 102 5.69 -1.34 24.85
C GLY A 102 6.01 0.14 24.84
N ILE A 103 5.78 0.77 23.70
CA ILE A 103 5.99 2.21 23.57
C ILE A 103 4.84 3.01 24.20
N LEU A 104 3.60 2.53 24.06
CA LEU A 104 2.45 3.16 24.71
C LEU A 104 2.42 2.86 26.21
N GLY A 105 2.69 1.61 26.57
CA GLY A 105 2.62 1.18 27.97
C GLY A 105 3.70 1.79 28.86
N GLY A 106 4.88 1.99 28.29
CA GLY A 106 6.01 2.54 29.03
C GLY A 106 6.08 4.05 29.01
N ASN A 107 4.93 4.69 28.78
CA ASN A 107 4.87 6.14 28.71
C ASN A 107 3.74 6.71 29.58
N PRO A 108 4.11 7.32 30.73
CA PRO A 108 3.14 7.85 31.71
C PRO A 108 2.33 9.07 31.25
N ALA A 109 2.69 9.66 30.11
CA ALA A 109 1.92 10.76 29.53
C ALA A 109 0.82 10.25 28.60
N ILE A 110 0.68 8.92 28.52
CA ILE A 110 -0.27 8.27 27.63
C ILE A 110 -1.20 7.34 28.43
N THR A 111 -2.50 7.53 28.26
CA THR A 111 -3.53 6.64 28.75
C THR A 111 -4.18 5.95 27.56
N VAL A 112 -4.15 4.62 27.57
CA VAL A 112 -4.78 3.80 26.53
C VAL A 112 -6.13 3.32 27.02
N VAL A 113 -7.14 3.53 26.19
CA VAL A 113 -8.51 3.14 26.49
C VAL A 113 -8.94 2.13 25.43
N HIS A 114 -9.43 0.98 25.88
CA HIS A 114 -9.89 -0.07 24.98
C HIS A 114 -11.38 0.06 24.79
N GLY A 115 -11.78 0.64 23.67
CA GLY A 115 -13.18 0.91 23.39
C GLY A 115 -13.36 1.62 22.07
N GLU A 116 -14.62 1.82 21.70
CA GLU A 116 -14.96 2.52 20.46
C GLU A 116 -15.43 3.94 20.75
N ALA A 117 -14.71 4.91 20.18
CA ALA A 117 -15.00 6.33 20.39
C ALA A 117 -15.95 6.90 19.35
N ARG A 118 -16.76 7.86 19.79
CA ARG A 118 -17.50 8.73 18.89
C ARG A 118 -17.50 10.11 19.50
N PHE A 119 -17.72 11.12 18.67
CA PHE A 119 -17.78 12.50 19.17
C PHE A 119 -19.09 12.75 19.89
N LYS A 120 -18.98 13.43 21.02
CA LYS A 120 -20.13 13.94 21.76
C LYS A 120 -20.33 15.40 21.33
N ASP A 121 -19.22 16.13 21.28
CA ASP A 121 -19.18 17.48 20.73
C ASP A 121 -17.73 17.74 20.28
N ASP A 122 -17.37 18.98 19.95
CA ASP A 122 -16.00 19.24 19.50
C ASP A 122 -14.96 19.34 20.60
N GLN A 123 -15.34 19.01 21.84
CA GLN A 123 -14.36 18.94 22.93
C GLN A 123 -14.47 17.65 23.75
N SER A 124 -15.24 16.66 23.28
CA SER A 124 -15.36 15.42 24.01
C SER A 124 -15.86 14.24 23.18
N LEU A 125 -15.42 13.05 23.60
CA LEU A 125 -15.78 11.78 23.01
C LEU A 125 -16.58 10.97 24.00
N THR A 126 -17.52 10.17 23.51
CA THR A 126 -18.10 9.11 24.30
C THR A 126 -17.44 7.82 23.83
N VAL A 127 -16.95 7.00 24.77
CA VAL A 127 -16.33 5.72 24.43
C VAL A 127 -17.14 4.56 24.97
N ARG A 128 -17.55 3.68 24.07
CA ARG A 128 -18.14 2.42 24.45
C ARG A 128 -16.98 1.48 24.78
N LEU A 129 -16.81 1.20 26.07
CA LEU A 129 -15.70 0.40 26.57
C LEU A 129 -15.85 -1.06 26.19
N ASN A 130 -14.74 -1.70 25.82
CA ASN A 130 -14.77 -3.12 25.47
C ASN A 130 -15.22 -4.00 26.62
N GLU A 131 -14.93 -3.59 27.84
CA GLU A 131 -15.39 -4.34 29.00
C GLU A 131 -16.81 -3.96 29.47
N GLY A 132 -17.47 -3.08 28.72
CA GLY A 132 -18.86 -2.71 28.96
C GLY A 132 -18.97 -1.35 29.60
N GLY A 133 -20.13 -0.70 29.43
CA GLY A 133 -20.34 0.65 29.93
C GLY A 133 -19.64 1.68 29.07
N GLU A 134 -19.60 2.92 29.56
CA GLU A 134 -19.05 4.02 28.78
C GLU A 134 -18.17 4.93 29.62
N ARG A 135 -17.41 5.76 28.92
CA ARG A 135 -16.60 6.78 29.55
CA ARG A 135 -16.56 6.77 29.53
C ARG A 135 -16.53 7.99 28.63
N VAL A 136 -16.57 9.18 29.21
CA VAL A 136 -16.38 10.39 28.44
C VAL A 136 -14.92 10.80 28.49
N VAL A 137 -14.38 11.13 27.32
CA VAL A 137 -13.02 11.65 27.22
C VAL A 137 -13.11 13.10 26.75
N MET A 138 -12.68 14.02 27.61
CA MET A 138 -12.60 15.43 27.27
C MET A 138 -11.24 15.68 26.64
N PHE A 139 -11.19 16.63 25.72
CA PHE A 139 -9.92 16.95 25.06
C PHE A 139 -9.87 18.42 24.69
N ASP A 140 -8.65 18.92 24.57
CA ASP A 140 -8.38 20.22 23.98
C ASP A 140 -8.34 20.10 22.46
N ARG A 141 -7.59 19.10 21.99
CA ARG A 141 -7.48 18.79 20.57
C ARG A 141 -7.65 17.28 20.39
N CYS A 142 -8.15 16.87 19.24
CA CYS A 142 -8.35 15.45 18.95
C CYS A 142 -7.87 15.12 17.55
N LEU A 143 -7.17 13.99 17.43
CA LEU A 143 -6.76 13.48 16.13
C LEU A 143 -7.59 12.23 15.82
N VAL A 144 -8.30 12.25 14.70
CA VAL A 144 -9.04 11.08 14.23
C VAL A 144 -8.10 10.33 13.30
N ALA A 145 -7.76 9.08 13.64
CA ALA A 145 -6.84 8.27 12.82
C ALA A 145 -7.40 6.84 12.80
N THR A 146 -8.64 6.72 12.34
CA THR A 146 -9.41 5.47 12.46
C THR A 146 -9.24 4.51 11.28
N GLY A 147 -8.41 4.89 10.31
CA GLY A 147 -8.08 4.04 9.19
C GLY A 147 -9.25 3.70 8.29
N ALA A 148 -9.13 2.57 7.60
CA ALA A 148 -10.10 2.10 6.63
C ALA A 148 -10.37 0.58 6.78
N SER A 149 -11.34 0.06 6.06
CA SER A 149 -11.67 -1.37 6.10
C SER A 149 -11.90 -1.89 4.67
N PRO A 150 -11.75 -3.20 4.45
CA PRO A 150 -11.95 -3.68 3.08
C PRO A 150 -13.37 -3.39 2.60
N ALA A 151 -13.48 -2.92 1.35
CA ALA A 151 -14.76 -2.64 0.73
C ALA A 151 -15.33 -3.93 0.17
N VAL A 152 -16.65 -4.02 0.08
CA VAL A 152 -17.28 -5.23 -0.40
C VAL A 152 -18.22 -4.82 -1.52
N PRO A 153 -18.01 -5.33 -2.75
CA PRO A 153 -18.95 -4.94 -3.81
C PRO A 153 -20.28 -5.70 -3.63
N PRO A 154 -21.40 -5.12 -4.12
CA PRO A 154 -22.74 -5.65 -3.84
C PRO A 154 -23.16 -6.83 -4.73
N ILE A 155 -22.27 -7.80 -4.91
CA ILE A 155 -22.51 -8.91 -5.82
C ILE A 155 -23.48 -9.89 -5.16
N PRO A 156 -24.61 -10.20 -5.83
CA PRO A 156 -25.56 -11.14 -5.22
C PRO A 156 -24.90 -12.43 -4.75
N GLY A 157 -25.18 -12.81 -3.50
CA GLY A 157 -24.65 -14.02 -2.90
C GLY A 157 -23.31 -13.87 -2.17
N LEU A 158 -22.59 -12.78 -2.42
CA LEU A 158 -21.26 -12.62 -1.84
C LEU A 158 -21.33 -12.47 -0.32
N LYS A 159 -22.22 -11.58 0.15
CA LYS A 159 -22.32 -11.22 1.58
C LYS A 159 -22.42 -12.42 2.52
N GLU A 160 -23.20 -13.42 2.12
CA GLU A 160 -23.48 -14.56 2.97
C GLU A 160 -22.53 -15.74 2.70
N SER A 161 -21.62 -15.58 1.75
CA SER A 161 -20.62 -16.61 1.49
C SER A 161 -19.38 -16.42 2.40
N PRO A 162 -18.59 -17.49 2.58
CA PRO A 162 -17.43 -17.42 3.47
C PRO A 162 -16.16 -16.88 2.78
N TYR A 163 -16.28 -15.69 2.20
CA TYR A 163 -15.21 -15.16 1.38
C TYR A 163 -14.13 -14.57 2.25
N TRP A 164 -12.99 -14.29 1.65
CA TRP A 164 -11.88 -13.65 2.34
C TRP A 164 -11.74 -12.19 1.94
N THR A 165 -11.39 -11.35 2.89
CA THR A 165 -10.65 -10.12 2.59
C THR A 165 -9.15 -10.40 2.78
N SER A 166 -8.32 -9.39 2.59
CA SER A 166 -6.91 -9.51 2.87
C SER A 166 -6.63 -10.07 4.28
N THR A 167 -7.48 -9.71 5.24
CA THR A 167 -7.26 -10.14 6.62
C THR A 167 -7.34 -11.65 6.74
N GLU A 168 -8.44 -12.22 6.26
CA GLU A 168 -8.62 -13.67 6.32
C GLU A 168 -7.61 -14.42 5.46
N ALA A 169 -7.24 -13.85 4.32
CA ALA A 169 -6.24 -14.47 3.46
C ALA A 169 -4.89 -14.61 4.17
N LEU A 170 -4.48 -13.53 4.81
CA LEU A 170 -3.19 -13.48 5.52
C LEU A 170 -3.18 -14.40 6.75
N ALA A 171 -4.36 -14.64 7.33
CA ALA A 171 -4.49 -15.44 8.56
C ALA A 171 -4.75 -16.91 8.26
N SER A 172 -4.94 -17.26 6.99
CA SER A 172 -5.26 -18.64 6.58
CA SER A 172 -5.28 -18.64 6.64
C SER A 172 -4.11 -19.61 6.87
N ASP A 173 -4.43 -20.79 7.38
CA ASP A 173 -3.41 -21.77 7.72
C ASP A 173 -3.19 -22.81 6.65
N THR A 174 -3.92 -22.72 5.53
CA THR A 174 -3.75 -23.63 4.41
C THR A 174 -3.68 -22.86 3.09
N ILE A 175 -2.95 -23.42 2.14
CA ILE A 175 -2.91 -22.89 0.80
C ILE A 175 -4.05 -23.56 0.03
N PRO A 176 -5.04 -22.78 -0.42
CA PRO A 176 -6.13 -23.44 -1.17
C PRO A 176 -5.67 -23.93 -2.53
N GLU A 177 -6.19 -25.08 -2.95
CA GLU A 177 -5.88 -25.62 -4.27
C GLU A 177 -6.20 -24.62 -5.39
N ARG A 178 -7.36 -23.98 -5.28
CA ARG A 178 -7.85 -23.00 -6.28
C ARG A 178 -8.30 -21.75 -5.54
N LEU A 179 -7.73 -20.60 -5.93
CA LEU A 179 -8.10 -19.32 -5.35
C LEU A 179 -8.64 -18.39 -6.45
N ALA A 180 -9.86 -17.88 -6.26
CA ALA A 180 -10.38 -16.83 -7.12
C ALA A 180 -10.19 -15.51 -6.43
N VAL A 181 -9.88 -14.48 -7.21
CA VAL A 181 -9.60 -13.15 -6.68
C VAL A 181 -10.46 -12.16 -7.48
N ILE A 182 -11.30 -11.39 -6.79
CA ILE A 182 -12.00 -10.27 -7.39
C ILE A 182 -11.28 -8.98 -7.02
N GLY A 183 -10.79 -8.28 -8.04
CA GLY A 183 -9.99 -7.08 -7.82
C GLY A 183 -8.80 -7.05 -8.74
N SER A 184 -8.20 -5.88 -8.90
CA SER A 184 -7.17 -5.70 -9.92
C SER A 184 -6.16 -4.63 -9.59
N SER A 185 -5.99 -4.37 -8.29
CA SER A 185 -5.08 -3.36 -7.84
C SER A 185 -4.08 -3.97 -6.85
N VAL A 186 -3.56 -3.16 -5.94
CA VAL A 186 -2.42 -3.55 -5.11
CA VAL A 186 -2.40 -3.60 -5.17
C VAL A 186 -2.67 -4.79 -4.24
N VAL A 187 -3.77 -4.78 -3.50
CA VAL A 187 -4.05 -5.88 -2.59
C VAL A 187 -4.28 -7.17 -3.38
N ALA A 188 -5.12 -7.07 -4.40
CA ALA A 188 -5.49 -8.26 -5.21
C ALA A 188 -4.26 -8.90 -5.84
N LEU A 189 -3.38 -8.07 -6.38
CA LEU A 189 -2.27 -8.58 -7.16
C LEU A 189 -1.09 -9.02 -6.29
N GLU A 190 -0.78 -8.27 -5.23
CA GLU A 190 0.24 -8.74 -4.28
C GLU A 190 -0.16 -10.11 -3.72
N LEU A 191 -1.41 -10.24 -3.29
CA LEU A 191 -1.83 -11.52 -2.68
C LEU A 191 -2.06 -12.64 -3.70
N ALA A 192 -2.58 -12.31 -4.88
CA ALA A 192 -2.74 -13.31 -5.93
C ALA A 192 -1.43 -13.98 -6.26
N GLN A 193 -0.36 -13.20 -6.45
CA GLN A 193 0.92 -13.78 -6.82
C GLN A 193 1.55 -14.57 -5.67
N ALA A 194 1.41 -14.07 -4.44
CA ALA A 194 1.88 -14.81 -3.27
C ALA A 194 1.22 -16.20 -3.17
N PHE A 195 -0.10 -16.24 -3.25
CA PHE A 195 -0.81 -17.51 -3.17
C PHE A 195 -0.46 -18.43 -4.32
N ALA A 196 -0.35 -17.89 -5.54
CA ALA A 196 0.02 -18.71 -6.68
C ALA A 196 1.40 -19.39 -6.48
N ARG A 197 2.35 -18.60 -6.00
CA ARG A 197 3.71 -19.07 -5.78
C ARG A 197 3.81 -20.09 -4.66
N LEU A 198 2.87 -20.03 -3.71
CA LEU A 198 2.85 -20.99 -2.60
C LEU A 198 1.99 -22.23 -2.91
N GLY A 199 1.45 -22.29 -4.13
CA GLY A 199 0.84 -23.53 -4.64
C GLY A 199 -0.58 -23.41 -5.18
N SER A 200 -1.24 -22.29 -4.99
CA SER A 200 -2.64 -22.15 -5.44
C SER A 200 -2.69 -21.98 -6.96
N LYS A 201 -3.73 -22.54 -7.58
CA LYS A 201 -4.10 -22.19 -8.95
C LYS A 201 -4.99 -20.95 -8.84
N VAL A 202 -4.46 -19.81 -9.28
CA VAL A 202 -5.12 -18.53 -9.07
C VAL A 202 -5.74 -17.98 -10.37
N THR A 203 -6.96 -17.47 -10.21
CA THR A 203 -7.68 -16.78 -11.28
C THR A 203 -8.09 -15.42 -10.76
N VAL A 204 -7.65 -14.37 -11.47
CA VAL A 204 -7.97 -13.00 -11.12
C VAL A 204 -9.09 -12.48 -12.03
N LEU A 205 -10.20 -12.04 -11.44
CA LEU A 205 -11.31 -11.39 -12.17
C LEU A 205 -11.14 -9.87 -12.07
N ALA A 206 -10.64 -9.27 -13.15
CA ALA A 206 -10.34 -7.85 -13.20
C ALA A 206 -11.43 -7.19 -14.00
N ARG A 207 -12.14 -6.26 -13.39
CA ARG A 207 -13.30 -5.69 -14.07
C ARG A 207 -12.91 -4.88 -15.29
N ASN A 208 -11.73 -4.30 -15.26
CA ASN A 208 -11.13 -3.68 -16.44
C ASN A 208 -9.79 -4.37 -16.73
N THR A 209 -8.70 -3.60 -16.72
CA THR A 209 -7.37 -4.16 -16.85
C THR A 209 -6.63 -3.95 -15.53
N LEU A 210 -5.50 -4.64 -15.36
CA LEU A 210 -4.72 -4.54 -14.14
C LEU A 210 -4.13 -3.15 -13.99
N PHE A 211 -4.15 -2.62 -12.76
CA PHE A 211 -3.64 -1.28 -12.48
C PHE A 211 -4.27 -0.27 -13.43
N PHE A 212 -5.61 -0.30 -13.47
CA PHE A 212 -6.40 0.46 -14.45
C PHE A 212 -6.17 1.97 -14.38
N ARG A 213 -5.89 2.49 -13.19
CA ARG A 213 -5.74 3.92 -12.95
C ARG A 213 -4.27 4.37 -13.04
N GLU A 214 -3.37 3.48 -13.42
CA GLU A 214 -1.95 3.80 -13.56
C GLU A 214 -1.60 3.89 -15.03
N ASP A 215 -0.40 4.39 -15.33
CA ASP A 215 0.10 4.36 -16.70
C ASP A 215 -0.08 2.94 -17.27
N PRO A 216 -0.67 2.83 -18.49
CA PRO A 216 -1.04 1.49 -18.98
C PRO A 216 0.11 0.52 -19.16
N ALA A 217 1.33 1.03 -19.29
CA ALA A 217 2.52 0.18 -19.41
C ALA A 217 2.69 -0.70 -18.18
N ILE A 218 2.29 -0.18 -17.02
CA ILE A 218 2.40 -0.95 -15.77
C ILE A 218 1.56 -2.24 -15.80
N GLY A 219 0.26 -2.10 -16.00
CA GLY A 219 -0.64 -3.24 -16.09
C GLY A 219 -0.25 -4.23 -17.18
N GLU A 220 0.24 -3.72 -18.32
CA GLU A 220 0.65 -4.60 -19.41
CA GLU A 220 0.68 -4.59 -19.44
C GLU A 220 1.80 -5.50 -18.97
N ALA A 221 2.79 -4.91 -18.32
CA ALA A 221 3.96 -5.68 -17.87
C ALA A 221 3.58 -6.70 -16.79
N VAL A 222 2.78 -6.28 -15.83
CA VAL A 222 2.38 -7.16 -14.71
C VAL A 222 1.49 -8.31 -15.19
N THR A 223 0.55 -7.99 -16.08
CA THR A 223 -0.33 -9.01 -16.64
C THR A 223 0.48 -10.08 -17.36
N ALA A 224 1.45 -9.67 -18.16
CA ALA A 224 2.33 -10.61 -18.87
C ALA A 224 3.14 -11.46 -17.90
N ALA A 225 3.73 -10.84 -16.88
CA ALA A 225 4.45 -11.55 -15.84
C ALA A 225 3.59 -12.61 -15.17
N PHE A 226 2.38 -12.23 -14.79
CA PHE A 226 1.47 -13.14 -14.09
C PHE A 226 1.14 -14.33 -14.97
N ARG A 227 0.80 -14.06 -16.23
CA ARG A 227 0.43 -15.12 -17.14
C ARG A 227 1.61 -16.04 -17.39
N ALA A 228 2.81 -15.49 -17.39
CA ALA A 228 4.02 -16.25 -17.63
C ALA A 228 4.29 -17.25 -16.50
N GLU A 229 3.75 -17.03 -15.30
CA GLU A 229 3.92 -18.02 -14.23
C GLU A 229 2.64 -18.72 -13.85
N GLY A 230 1.68 -18.71 -14.78
CA GLY A 230 0.51 -19.56 -14.70
C GLY A 230 -0.67 -19.00 -13.93
N ILE A 231 -0.70 -17.69 -13.72
CA ILE A 231 -1.83 -17.04 -13.08
C ILE A 231 -2.76 -16.62 -14.20
N GLU A 232 -4.01 -16.99 -14.10
CA GLU A 232 -4.99 -16.64 -15.11
C GLU A 232 -5.51 -15.26 -14.77
N VAL A 233 -5.45 -14.35 -15.73
CA VAL A 233 -5.96 -12.99 -15.55
C VAL A 233 -7.11 -12.77 -16.55
N LEU A 234 -8.32 -12.71 -16.03
CA LEU A 234 -9.52 -12.50 -16.82
C LEU A 234 -9.82 -11.00 -16.82
N GLU A 235 -9.45 -10.34 -17.91
CA GLU A 235 -9.66 -8.90 -18.03
C GLU A 235 -11.11 -8.64 -18.44
N HIS A 236 -11.61 -7.44 -18.11
CA HIS A 236 -12.98 -7.04 -18.40
C HIS A 236 -14.01 -8.09 -18.00
N THR A 237 -13.84 -8.63 -16.80
CA THR A 237 -14.63 -9.75 -16.32
C THR A 237 -15.12 -9.47 -14.91
N GLN A 238 -16.42 -9.68 -14.69
CA GLN A 238 -17.01 -9.50 -13.38
C GLN A 238 -17.89 -10.70 -13.04
N ALA A 239 -17.99 -10.99 -11.76
CA ALA A 239 -18.86 -12.05 -11.28
C ALA A 239 -20.20 -11.40 -11.03
N SER A 240 -21.25 -11.98 -11.57
CA SER A 240 -22.60 -11.46 -11.38
C SER A 240 -23.33 -12.17 -10.25
N GLN A 241 -22.80 -13.32 -9.83
CA GLN A 241 -23.37 -14.08 -8.72
C GLN A 241 -22.28 -14.91 -8.06
N VAL A 242 -22.36 -14.99 -6.74
CA VAL A 242 -21.52 -15.86 -5.93
C VAL A 242 -22.45 -16.84 -5.20
N ALA A 243 -22.03 -18.09 -5.20
CA ALA A 243 -22.71 -19.12 -4.45
C ALA A 243 -21.62 -19.97 -3.82
N HIS A 244 -21.96 -20.63 -2.72
CA HIS A 244 -21.04 -21.55 -2.06
C HIS A 244 -21.83 -22.81 -1.80
N MET A 245 -21.51 -23.86 -2.55
CA MET A 245 -22.30 -25.09 -2.61
C MET A 245 -21.34 -26.26 -2.67
N ASP A 246 -21.61 -27.31 -1.89
CA ASP A 246 -20.77 -28.50 -1.81
C ASP A 246 -19.30 -28.20 -1.48
N GLY A 247 -19.06 -27.26 -0.58
CA GLY A 247 -17.71 -26.96 -0.11
C GLY A 247 -16.85 -26.05 -0.99
N GLU A 248 -17.40 -25.55 -2.10
CA GLU A 248 -16.62 -24.69 -3.00
C GLU A 248 -17.41 -23.47 -3.45
N PHE A 249 -16.68 -22.44 -3.88
CA PHE A 249 -17.28 -21.25 -4.45
C PHE A 249 -17.62 -21.50 -5.91
N VAL A 250 -18.79 -21.00 -6.31
CA VAL A 250 -19.23 -21.07 -7.69
C VAL A 250 -19.57 -19.64 -8.11
N LEU A 251 -18.80 -19.10 -9.05
CA LEU A 251 -18.93 -17.74 -9.49
C LEU A 251 -19.51 -17.73 -10.91
N THR A 252 -20.58 -16.98 -11.10
CA THR A 252 -21.17 -16.78 -12.40
C THR A 252 -20.53 -15.56 -13.05
N THR A 253 -19.92 -15.77 -14.22
CA THR A 253 -19.24 -14.72 -14.95
C THR A 253 -19.60 -14.85 -16.43
N THR A 254 -19.28 -13.83 -17.22
CA THR A 254 -19.43 -13.93 -18.69
C THR A 254 -18.57 -15.04 -19.29
N HIS A 255 -17.33 -15.17 -18.81
CA HIS A 255 -16.43 -16.26 -19.25
C HIS A 255 -16.95 -17.64 -18.87
N GLY A 256 -18.10 -17.68 -18.22
CA GLY A 256 -18.70 -18.91 -17.76
C GLY A 256 -18.49 -19.09 -16.27
N GLU A 257 -18.78 -20.30 -15.81
CA GLU A 257 -18.76 -20.59 -14.40
C GLU A 257 -17.33 -20.86 -13.93
N LEU A 258 -16.95 -20.21 -12.83
CA LEU A 258 -15.63 -20.41 -12.22
CA LEU A 258 -15.65 -20.43 -12.23
C LEU A 258 -15.84 -20.99 -10.83
N ARG A 259 -15.12 -22.08 -10.54
CA ARG A 259 -15.17 -22.71 -9.22
C ARG A 259 -13.83 -22.58 -8.50
N ALA A 260 -13.88 -22.41 -7.18
CA ALA A 260 -12.66 -22.25 -6.39
C ALA A 260 -12.88 -22.66 -4.96
N ASP A 261 -11.79 -22.93 -4.24
CA ASP A 261 -11.91 -23.34 -2.86
C ASP A 261 -12.04 -22.13 -1.96
N LYS A 262 -11.40 -21.03 -2.34
CA LYS A 262 -11.42 -19.81 -1.58
C LYS A 262 -11.57 -18.63 -2.53
N LEU A 263 -12.17 -17.57 -2.02
CA LEU A 263 -12.43 -16.37 -2.80
C LEU A 263 -11.88 -15.17 -2.04
N LEU A 264 -10.90 -14.48 -2.62
CA LEU A 264 -10.42 -13.21 -2.09
C LEU A 264 -11.08 -12.02 -2.79
N VAL A 265 -11.67 -11.13 -2.01
CA VAL A 265 -12.29 -9.91 -2.53
C VAL A 265 -11.40 -8.73 -2.09
N ALA A 266 -10.83 -8.05 -3.08
CA ALA A 266 -9.86 -6.98 -2.85
C ALA A 266 -10.22 -5.82 -3.74
N THR A 267 -11.24 -5.08 -3.32
CA THR A 267 -11.86 -4.08 -4.19
C THR A 267 -11.88 -2.70 -3.56
N GLY A 268 -10.80 -2.36 -2.86
CA GLY A 268 -10.69 -1.07 -2.21
C GLY A 268 -10.87 -1.17 -0.70
N ARG A 269 -10.61 -0.03 -0.05
CA ARG A 269 -10.70 0.09 1.39
C ARG A 269 -11.37 1.40 1.71
N THR A 270 -12.46 1.35 2.48
CA THR A 270 -13.27 2.53 2.75
C THR A 270 -12.96 3.11 4.15
N PRO A 271 -12.94 4.44 4.27
CA PRO A 271 -12.63 5.09 5.57
C PRO A 271 -13.58 4.72 6.69
N ASN A 272 -13.04 4.55 7.90
CA ASN A 272 -13.85 4.13 9.05
C ASN A 272 -14.39 5.33 9.78
N THR A 273 -15.53 5.84 9.32
CA THR A 273 -16.05 7.12 9.83
C THR A 273 -17.55 7.11 10.19
N ARG A 274 -18.29 6.10 9.76
CA ARG A 274 -19.73 6.05 10.03
C ARG A 274 -20.08 5.96 11.53
N SER A 275 -19.22 5.35 12.33
CA SER A 275 -19.48 5.21 13.77
C SER A 275 -19.03 6.42 14.62
N LEU A 276 -18.44 7.44 14.00
CA LEU A 276 -17.79 8.51 14.75
C LEU A 276 -18.67 9.70 15.15
N ALA A 277 -19.90 9.75 14.64
CA ALA A 277 -20.77 10.90 14.90
C ALA A 277 -20.07 12.22 14.58
N LEU A 278 -19.44 12.29 13.41
CA LEU A 278 -18.65 13.46 13.02
C LEU A 278 -19.48 14.76 12.96
N ASP A 279 -20.77 14.64 12.69
CA ASP A 279 -21.65 15.83 12.66
C ASP A 279 -21.75 16.52 14.01
N ALA A 280 -21.66 15.74 15.09
CA ALA A 280 -21.65 16.29 16.46
C ALA A 280 -20.45 17.20 16.74
N ALA A 281 -19.39 17.07 15.95
CA ALA A 281 -18.20 17.91 16.10
C ALA A 281 -17.93 18.85 14.91
N GLY A 282 -18.84 18.90 13.95
CA GLY A 282 -18.68 19.77 12.78
C GLY A 282 -17.53 19.39 11.86
N VAL A 283 -17.27 18.09 11.75
CA VAL A 283 -16.19 17.57 10.89
C VAL A 283 -16.78 17.06 9.57
N THR A 284 -16.41 17.73 8.50
CA THR A 284 -16.92 17.42 7.16
C THR A 284 -16.22 16.23 6.50
N VAL A 285 -17.03 15.34 5.90
CA VAL A 285 -16.51 14.24 5.08
C VAL A 285 -16.81 14.50 3.60
N ASN A 286 -16.16 13.74 2.72
CA ASN A 286 -16.50 13.77 1.30
C ASN A 286 -17.50 12.65 0.94
N ALA A 287 -17.74 12.47 -0.35
CA ALA A 287 -18.76 11.53 -0.81
C ALA A 287 -18.42 10.08 -0.48
N GLN A 288 -17.11 9.79 -0.33
CA GLN A 288 -16.66 8.44 0.04
C GLN A 288 -16.65 8.20 1.55
N GLY A 289 -16.98 9.24 2.32
CA GLY A 289 -16.93 9.15 3.79
C GLY A 289 -15.57 9.50 4.37
N ALA A 290 -14.66 10.02 3.54
CA ALA A 290 -13.30 10.34 4.00
C ALA A 290 -13.29 11.72 4.63
N ILE A 291 -12.52 11.87 5.71
CA ILE A 291 -12.45 13.17 6.39
C ILE A 291 -11.60 14.13 5.58
N VAL A 292 -12.17 15.30 5.26
CA VAL A 292 -11.48 16.28 4.45
C VAL A 292 -10.48 17.05 5.30
N ILE A 293 -9.23 17.10 4.85
CA ILE A 293 -8.19 17.82 5.58
C ILE A 293 -7.33 18.67 4.66
N ASP A 294 -6.71 19.71 5.23
CA ASP A 294 -5.72 20.50 4.49
C ASP A 294 -4.33 19.91 4.72
N GLN A 295 -3.31 20.58 4.19
CA GLN A 295 -1.92 20.12 4.31
C GLN A 295 -1.42 20.08 5.76
N GLY A 296 -2.13 20.75 6.68
CA GLY A 296 -1.81 20.67 8.11
C GLY A 296 -2.63 19.65 8.88
N MET A 297 -3.35 18.77 8.17
CA MET A 297 -4.26 17.75 8.75
C MET A 297 -5.44 18.36 9.53
N ARG A 298 -5.74 19.63 9.28
CA ARG A 298 -6.88 20.29 9.92
C ARG A 298 -8.18 19.89 9.26
N THR A 299 -9.20 19.59 10.07
CA THR A 299 -10.54 19.32 9.55
C THR A 299 -11.28 20.66 9.51
N SER A 300 -12.57 20.59 9.21
CA SER A 300 -13.45 21.74 9.23
C SER A 300 -13.63 22.31 10.65
N ASN A 301 -13.34 21.50 11.67
CA ASN A 301 -13.35 21.96 13.05
C ASN A 301 -11.93 22.23 13.53
N PRO A 302 -11.67 23.45 14.03
CA PRO A 302 -10.30 23.84 14.36
C PRO A 302 -9.65 23.06 15.51
N ASN A 303 -10.45 22.36 16.33
CA ASN A 303 -9.91 21.55 17.41
C ASN A 303 -9.67 20.08 17.03
N ILE A 304 -10.08 19.72 15.82
CA ILE A 304 -10.07 18.33 15.37
C ILE A 304 -9.24 18.20 14.09
N TYR A 305 -8.34 17.22 14.12
CA TYR A 305 -7.42 16.90 13.05
C TYR A 305 -7.69 15.46 12.64
N ALA A 306 -7.22 15.09 11.46
CA ALA A 306 -7.37 13.71 11.01
C ALA A 306 -6.16 13.32 10.16
N ALA A 307 -5.78 12.06 10.21
CA ALA A 307 -4.59 11.59 9.52
C ALA A 307 -4.74 10.12 9.17
N GLY A 308 -4.15 9.74 8.04
CA GLY A 308 -4.13 8.34 7.60
C GLY A 308 -5.31 8.02 6.70
N ASP A 309 -5.61 6.71 6.62
CA ASP A 309 -6.59 6.18 5.68
C ASP A 309 -8.03 6.66 5.89
N CYS A 310 -8.33 7.24 7.06
CA CYS A 310 -9.68 7.78 7.29
C CYS A 310 -9.90 9.14 6.61
N THR A 311 -8.82 9.73 6.10
CA THR A 311 -8.84 10.99 5.36
C THR A 311 -8.83 10.72 3.84
N ASP A 312 -8.81 11.82 3.07
CA ASP A 312 -8.74 11.78 1.60
C ASP A 312 -7.32 11.81 1.04
N GLN A 313 -6.30 11.50 1.84
CA GLN A 313 -4.90 11.48 1.37
CA GLN A 313 -4.92 11.49 1.36
C GLN A 313 -4.52 10.06 0.94
N PRO A 314 -3.37 9.90 0.25
CA PRO A 314 -3.04 8.55 -0.22
C PRO A 314 -2.90 7.54 0.91
N GLN A 315 -3.29 6.30 0.67
CA GLN A 315 -3.31 5.29 1.73
C GLN A 315 -2.01 4.52 1.78
N PHE A 316 -1.03 5.02 2.52
CA PHE A 316 0.25 4.32 2.72
C PHE A 316 0.66 4.55 4.15
N VAL A 317 1.34 3.58 4.76
CA VAL A 317 1.70 3.74 6.18
C VAL A 317 2.67 4.91 6.41
N TYR A 318 3.57 5.15 5.46
CA TYR A 318 4.49 6.29 5.58
C TYR A 318 3.79 7.63 5.43
N VAL A 319 2.70 7.68 4.66
CA VAL A 319 1.89 8.92 4.61
C VAL A 319 1.15 9.10 5.91
N ALA A 320 0.49 8.05 6.38
CA ALA A 320 -0.25 8.07 7.65
C ALA A 320 0.66 8.52 8.80
N ALA A 321 1.85 7.97 8.89
CA ALA A 321 2.76 8.34 9.96
C ALA A 321 3.22 9.80 9.87
N ALA A 322 3.61 10.22 8.67
CA ALA A 322 4.06 11.60 8.40
C ALA A 322 2.95 12.60 8.75
N ALA A 323 1.73 12.25 8.36
CA ALA A 323 0.56 13.06 8.66
C ALA A 323 0.24 13.12 10.15
N GLY A 324 0.34 11.98 10.83
CA GLY A 324 0.14 11.92 12.28
C GLY A 324 1.12 12.79 13.04
N THR A 325 2.40 12.68 12.67
CA THR A 325 3.45 13.48 13.27
C THR A 325 3.16 14.98 13.13
N ARG A 326 2.76 15.40 11.93
CA ARG A 326 2.52 16.82 11.68
C ARG A 326 1.22 17.33 12.28
N ALA A 327 0.20 16.48 12.29
CA ALA A 327 -1.01 16.81 13.02
C ALA A 327 -0.69 17.12 14.48
N ALA A 328 0.15 16.29 15.11
CA ALA A 328 0.53 16.49 16.51
C ALA A 328 1.24 17.82 16.73
N ILE A 329 2.15 18.17 15.83
CA ILE A 329 2.82 19.48 15.88
C ILE A 329 1.78 20.60 15.90
N ASN A 330 0.82 20.51 15.00
CA ASN A 330 -0.21 21.53 14.87
C ASN A 330 -1.19 21.55 16.05
N MET A 331 -1.44 20.39 16.65
CA MET A 331 -2.29 20.30 17.82
C MET A 331 -1.62 20.89 19.07
N THR A 332 -0.29 21.02 19.02
CA THR A 332 0.47 21.51 20.15
C THR A 332 1.12 22.87 19.84
N GLY A 333 0.49 23.66 18.99
CA GLY A 333 0.88 25.07 18.79
C GLY A 333 1.83 25.37 17.65
N GLY A 334 2.27 24.33 16.92
CA GLY A 334 3.17 24.52 15.79
C GLY A 334 2.50 24.78 14.45
N ASP A 335 3.28 24.69 13.39
CA ASP A 335 2.82 25.06 12.06
C ASP A 335 3.55 24.20 11.03
N ALA A 336 3.00 23.02 10.79
CA ALA A 336 3.62 22.04 9.91
C ALA A 336 2.66 21.70 8.79
N ALA A 337 3.24 21.25 7.68
CA ALA A 337 2.46 20.82 6.54
C ALA A 337 3.13 19.59 5.93
N LEU A 338 2.30 18.70 5.43
CA LEU A 338 2.74 17.50 4.73
C LEU A 338 2.89 17.82 3.24
N ASP A 339 4.06 17.52 2.69
CA ASP A 339 4.36 17.72 1.27
C ASP A 339 4.48 16.34 0.61
N LEU A 340 3.58 16.05 -0.32
CA LEU A 340 3.56 14.74 -1.02
C LEU A 340 4.16 14.79 -2.43
N THR A 341 4.86 15.87 -2.78
CA THR A 341 5.34 16.04 -4.18
C THR A 341 6.27 14.91 -4.69
N ALA A 342 7.09 14.34 -3.82
CA ALA A 342 7.98 13.24 -4.24
C ALA A 342 7.65 11.96 -3.47
N MET A 343 6.36 11.71 -3.28
CA MET A 343 5.87 10.56 -2.55
C MET A 343 6.00 9.31 -3.41
N PRO A 344 6.91 8.40 -3.04
CA PRO A 344 7.01 7.19 -3.85
C PRO A 344 5.96 6.17 -3.43
N ALA A 345 5.72 5.19 -4.30
CA ALA A 345 4.85 4.05 -4.01
C ALA A 345 5.48 2.81 -4.63
N VAL A 346 5.31 1.68 -3.95
CA VAL A 346 5.87 0.41 -4.36
C VAL A 346 4.81 -0.67 -4.22
N VAL A 347 4.69 -1.52 -5.25
CA VAL A 347 3.83 -2.68 -5.19
C VAL A 347 4.75 -3.91 -5.18
N PHE A 348 4.56 -4.77 -4.20
CA PHE A 348 5.45 -5.88 -3.93
C PHE A 348 5.01 -7.15 -4.67
N THR A 349 4.69 -6.97 -5.95
CA THR A 349 4.67 -8.07 -6.91
C THR A 349 6.12 -8.34 -7.35
N ASP A 350 6.30 -9.38 -8.16
CA ASP A 350 7.61 -9.65 -8.75
C ASP A 350 7.38 -9.83 -10.25
N PRO A 351 7.89 -8.89 -11.07
CA PRO A 351 8.66 -7.71 -10.70
C PRO A 351 7.84 -6.70 -9.93
N GLN A 352 8.51 -5.85 -9.16
CA GLN A 352 7.86 -4.79 -8.38
C GLN A 352 7.38 -3.68 -9.32
N VAL A 353 6.36 -2.95 -8.89
CA VAL A 353 5.95 -1.71 -9.53
C VAL A 353 6.39 -0.62 -8.59
N ALA A 354 6.95 0.45 -9.12
CA ALA A 354 7.25 1.61 -8.31
C ALA A 354 6.97 2.89 -9.10
N THR A 355 6.41 3.88 -8.42
CA THR A 355 6.12 5.16 -9.04
C THR A 355 6.46 6.31 -8.11
N VAL A 356 6.75 7.45 -8.72
CA VAL A 356 6.93 8.67 -7.97
C VAL A 356 6.64 9.84 -8.90
N GLY A 357 5.96 10.85 -8.39
CA GLY A 357 5.65 12.03 -9.19
C GLY A 357 4.59 11.75 -10.25
N TYR A 358 4.69 12.50 -11.36
CA TYR A 358 3.69 12.47 -12.41
C TYR A 358 3.87 11.38 -13.46
N SER A 359 2.78 10.70 -13.80
CA SER A 359 2.68 10.02 -15.07
C SER A 359 2.43 11.07 -16.15
N GLU A 360 2.67 10.70 -17.41
CA GLU A 360 2.41 11.62 -18.55
C GLU A 360 1.01 12.17 -18.49
N ALA A 361 0.03 11.26 -18.34
CA ALA A 361 -1.38 11.63 -18.24
C ALA A 361 -1.69 12.58 -17.08
N GLU A 362 -1.12 12.31 -15.92
CA GLU A 362 -1.33 13.17 -14.75
C GLU A 362 -0.75 14.58 -14.97
N ALA A 363 0.41 14.63 -15.60
CA ALA A 363 1.05 15.89 -15.91
C ALA A 363 0.15 16.70 -16.87
N HIS A 364 -0.29 16.04 -17.94
CA HIS A 364 -1.15 16.68 -18.94
C HIS A 364 -2.42 17.24 -18.33
N HIS A 365 -3.03 16.45 -17.46
CA HIS A 365 -4.24 16.88 -16.77
C HIS A 365 -4.00 18.10 -15.87
N ASP A 366 -2.76 18.28 -15.41
CA ASP A 366 -2.39 19.45 -14.61
C ASP A 366 -1.87 20.63 -15.45
N GLY A 367 -1.92 20.50 -16.77
CA GLY A 367 -1.49 21.56 -17.68
C GLY A 367 0.01 21.64 -17.90
N ILE A 368 0.73 20.56 -17.59
CA ILE A 368 2.18 20.51 -17.79
C ILE A 368 2.51 19.90 -19.15
N GLU A 369 3.42 20.55 -19.88
CA GLU A 369 3.89 20.02 -21.17
C GLU A 369 5.03 19.07 -20.87
N THR A 370 5.00 17.88 -21.47
CA THR A 370 5.93 16.82 -21.11
C THR A 370 6.63 16.18 -22.29
N ASP A 371 7.69 15.46 -21.98
CA ASP A 371 8.24 14.45 -22.84
C ASP A 371 8.52 13.24 -21.96
N SER A 372 8.74 12.08 -22.56
CA SER A 372 9.03 10.88 -21.79
C SER A 372 9.90 9.93 -22.59
N ARG A 373 10.56 9.03 -21.87
CA ARG A 373 11.27 7.94 -22.50
C ARG A 373 10.94 6.68 -21.71
N THR A 374 10.76 5.57 -22.43
CA THR A 374 10.48 4.27 -21.83
C THR A 374 11.60 3.30 -22.18
N LEU A 375 12.40 2.94 -21.19
CA LEU A 375 13.53 2.04 -21.39
C LEU A 375 13.15 0.62 -20.99
N THR A 376 13.06 -0.27 -21.98
CA THR A 376 12.79 -1.66 -21.67
C THR A 376 14.00 -2.29 -20.94
N LEU A 377 13.72 -3.27 -20.08
CA LEU A 377 14.74 -3.81 -19.18
C LEU A 377 15.78 -4.65 -19.90
N ASP A 378 15.49 -5.07 -21.12
CA ASP A 378 16.50 -5.72 -21.94
C ASP A 378 17.64 -4.76 -22.31
N ASN A 379 17.52 -3.48 -21.96
CA ASN A 379 18.62 -2.50 -22.04
C ASN A 379 19.44 -2.28 -20.74
N VAL A 380 19.04 -2.95 -19.66
CA VAL A 380 19.68 -2.74 -18.35
C VAL A 380 20.63 -3.90 -18.10
N PRO A 381 21.92 -3.61 -17.93
CA PRO A 381 22.89 -4.70 -17.73
C PRO A 381 22.52 -5.70 -16.64
N ARG A 382 22.05 -5.20 -15.50
CA ARG A 382 21.64 -6.04 -14.38
C ARG A 382 20.56 -7.05 -14.79
N ALA A 383 19.55 -6.61 -15.51
CA ALA A 383 18.47 -7.51 -15.97
C ALA A 383 19.00 -8.56 -16.95
N LEU A 384 19.91 -8.14 -17.82
CA LEU A 384 20.54 -9.05 -18.77
C LEU A 384 21.41 -10.09 -18.06
N ALA A 385 22.17 -9.66 -17.07
CA ALA A 385 22.96 -10.62 -16.27
C ALA A 385 22.09 -11.62 -15.47
N ASN A 386 20.89 -11.20 -15.10
CA ASN A 386 19.91 -12.05 -14.41
C ASN A 386 19.07 -12.91 -15.36
N PHE A 387 19.21 -12.67 -16.66
CA PHE A 387 18.41 -13.33 -17.68
C PHE A 387 16.92 -13.17 -17.41
N ASP A 388 16.54 -11.97 -16.99
CA ASP A 388 15.14 -11.67 -16.75
C ASP A 388 14.89 -10.22 -17.10
N THR A 389 14.31 -10.00 -18.28
CA THR A 389 14.21 -8.66 -18.80
C THR A 389 12.76 -8.19 -18.83
N ARG A 390 11.90 -8.80 -18.01
CA ARG A 390 10.50 -8.38 -17.78
CA ARG A 390 10.52 -8.34 -17.90
C ARG A 390 10.50 -6.96 -17.27
N GLY A 391 9.81 -6.03 -17.93
CA GLY A 391 9.59 -4.71 -17.35
C GLY A 391 10.25 -3.56 -18.07
N PHE A 392 10.29 -2.42 -17.40
CA PHE A 392 10.73 -1.18 -18.03
C PHE A 392 10.95 -0.14 -16.96
N ILE A 393 11.65 0.92 -17.36
CA ILE A 393 11.80 2.13 -16.55
C ILE A 393 11.39 3.33 -17.42
N LYS A 394 10.38 4.07 -16.95
CA LYS A 394 9.80 5.20 -17.70
C LYS A 394 10.08 6.52 -16.99
N LEU A 395 10.61 7.51 -17.72
CA LEU A 395 10.93 8.81 -17.15
C LEU A 395 10.06 9.86 -17.82
N VAL A 396 9.53 10.76 -17.00
CA VAL A 396 8.65 11.86 -17.46
C VAL A 396 9.32 13.17 -17.06
N ILE A 397 9.47 14.07 -18.04
CA ILE A 397 10.08 15.36 -17.79
C ILE A 397 9.15 16.49 -18.20
N GLU A 398 9.39 17.67 -17.64
CA GLU A 398 8.77 18.88 -18.14
C GLU A 398 9.52 19.33 -19.39
N GLU A 399 8.79 19.53 -20.50
CA GLU A 399 9.40 20.03 -21.73
C GLU A 399 10.00 21.41 -21.47
N GLY A 400 11.16 21.68 -22.03
CA GLY A 400 11.75 23.02 -21.90
C GLY A 400 12.75 23.09 -20.76
N SER A 401 12.27 22.95 -19.52
CA SER A 401 13.16 22.91 -18.36
C SER A 401 13.98 21.61 -18.32
N HIS A 402 13.42 20.55 -18.91
CA HIS A 402 13.96 19.17 -18.83
C HIS A 402 14.02 18.59 -17.40
N ARG A 403 13.28 19.21 -16.48
CA ARG A 403 13.23 18.77 -15.08
C ARG A 403 12.54 17.40 -15.03
N LEU A 404 13.13 16.45 -14.33
CA LEU A 404 12.46 15.15 -14.09
C LEU A 404 11.27 15.39 -13.18
N ILE A 405 10.09 14.94 -13.61
CA ILE A 405 8.89 15.13 -12.79
C ILE A 405 8.16 13.85 -12.41
N GLY A 406 8.51 12.74 -13.03
CA GLY A 406 7.94 11.44 -12.62
C GLY A 406 8.74 10.25 -13.13
N VAL A 407 8.63 9.13 -12.41
CA VAL A 407 9.21 7.87 -12.85
C VAL A 407 8.23 6.77 -12.52
N GLN A 408 8.04 5.87 -13.48
CA GLN A 408 7.26 4.65 -13.28
C GLN A 408 8.15 3.51 -13.74
N ALA A 409 8.24 2.47 -12.92
CA ALA A 409 9.10 1.34 -13.23
C ALA A 409 8.42 0.02 -12.86
N VAL A 410 8.59 -0.97 -13.72
CA VAL A 410 8.25 -2.35 -13.40
C VAL A 410 9.56 -3.12 -13.53
N ALA A 411 10.09 -3.53 -12.38
CA ALA A 411 11.39 -4.21 -12.35
C ALA A 411 11.61 -4.90 -11.01
N PRO A 412 12.45 -5.95 -10.98
CA PRO A 412 12.91 -6.41 -9.68
C PRO A 412 13.67 -5.27 -9.00
N GLU A 413 13.44 -5.12 -7.71
CA GLU A 413 14.01 -4.03 -6.91
C GLU A 413 13.56 -2.63 -7.37
N ALA A 414 12.42 -2.53 -8.04
CA ALA A 414 11.94 -1.22 -8.47
C ALA A 414 11.77 -0.30 -7.26
N GLY A 415 11.34 -0.88 -6.15
CA GLY A 415 11.12 -0.15 -4.91
C GLY A 415 12.37 0.49 -4.31
N GLU A 416 13.53 -0.09 -4.60
CA GLU A 416 14.82 0.45 -4.17
C GLU A 416 15.26 1.58 -5.08
N LEU A 417 15.19 1.37 -6.39
CA LEU A 417 15.64 2.39 -7.31
C LEU A 417 14.72 3.62 -7.34
N ILE A 418 13.44 3.43 -7.03
CA ILE A 418 12.49 4.56 -7.06
C ILE A 418 12.92 5.68 -6.10
N GLN A 419 13.66 5.36 -5.04
CA GLN A 419 14.04 6.39 -4.10
C GLN A 419 15.10 7.32 -4.66
N THR A 420 15.96 6.81 -5.55
CA THR A 420 16.90 7.67 -6.26
C THR A 420 16.10 8.66 -7.14
N ALA A 421 15.09 8.15 -7.84
CA ALA A 421 14.18 9.01 -8.62
C ALA A 421 13.49 10.04 -7.76
N ALA A 422 13.02 9.62 -6.57
CA ALA A 422 12.34 10.55 -5.65
C ALA A 422 13.28 11.70 -5.21
N LEU A 423 14.51 11.37 -4.84
CA LEU A 423 15.49 12.40 -4.44
C LEU A 423 15.89 13.34 -5.60
N ALA A 424 15.96 12.80 -6.82
CA ALA A 424 16.23 13.61 -8.01
C ALA A 424 15.12 14.65 -8.22
N ILE A 425 13.88 14.18 -8.08
CA ILE A 425 12.72 15.05 -8.23
C ILE A 425 12.70 16.07 -7.09
N ARG A 426 12.91 15.64 -5.85
CA ARG A 426 12.96 16.56 -4.69
C ARG A 426 13.97 17.68 -4.93
N ASN A 427 15.10 17.33 -5.52
CA ASN A 427 16.16 18.29 -5.74
C ASN A 427 16.06 19.01 -7.09
N ARG A 428 14.93 18.83 -7.78
CA ARG A 428 14.63 19.53 -9.04
C ARG A 428 15.67 19.29 -10.14
N MET A 429 16.19 18.07 -10.20
CA MET A 429 17.22 17.75 -11.18
C MET A 429 16.66 17.60 -12.59
N THR A 430 17.46 17.95 -13.60
CA THR A 430 17.12 17.63 -14.99
C THR A 430 17.60 16.21 -15.30
N VAL A 431 17.07 15.64 -16.39
CA VAL A 431 17.50 14.30 -16.81
C VAL A 431 18.95 14.27 -17.21
N GLN A 432 19.47 15.38 -17.76
CA GLN A 432 20.88 15.46 -18.14
CA GLN A 432 20.89 15.37 -18.14
C GLN A 432 21.76 15.42 -16.87
N GLU A 433 21.32 16.14 -15.82
CA GLU A 433 22.04 16.15 -14.54
C GLU A 433 22.03 14.76 -13.89
N LEU A 434 20.90 14.09 -13.98
CA LEU A 434 20.79 12.74 -13.43
C LEU A 434 21.72 11.80 -14.23
N ALA A 435 21.67 11.90 -15.55
CA ALA A 435 22.50 11.08 -16.44
C ALA A 435 24.00 11.32 -16.25
N ASP A 436 24.36 12.50 -15.79
CA ASP A 436 25.76 12.86 -15.58
C ASP A 436 26.33 12.32 -14.29
N GLN A 437 25.50 11.84 -13.36
CA GLN A 437 25.98 11.23 -12.11
C GLN A 437 26.53 9.83 -12.37
N LEU A 438 27.51 9.43 -11.56
CA LEU A 438 28.05 8.06 -11.61
C LEU A 438 27.08 7.13 -10.87
N PHE A 439 26.78 5.99 -11.50
CA PHE A 439 25.94 4.94 -10.96
C PHE A 439 26.79 3.66 -11.01
N PRO A 440 26.63 2.75 -10.04
CA PRO A 440 27.36 1.49 -10.15
C PRO A 440 26.84 0.65 -11.31
N TYR A 441 27.76 0.02 -12.03
CA TYR A 441 27.44 -0.88 -13.13
C TYR A 441 26.77 -2.14 -12.56
N LEU A 442 25.83 -2.70 -13.32
CA LEU A 442 25.17 -3.95 -12.97
C LEU A 442 24.34 -3.85 -11.71
N THR A 443 23.74 -2.67 -11.50
CA THR A 443 22.67 -2.50 -10.52
C THR A 443 21.40 -2.17 -11.26
N MET A 444 20.25 -2.45 -10.66
CA MET A 444 19.00 -2.07 -11.32
C MET A 444 18.85 -0.54 -11.40
N VAL A 445 19.33 0.16 -10.39
CA VAL A 445 19.22 1.62 -10.35
C VAL A 445 19.97 2.32 -11.49
N GLU A 446 21.04 1.70 -12.00
CA GLU A 446 21.71 2.16 -13.22
C GLU A 446 20.73 2.38 -14.39
N GLY A 447 19.65 1.61 -14.40
CA GLY A 447 18.59 1.79 -15.37
C GLY A 447 18.02 3.20 -15.43
N LEU A 448 18.03 3.93 -14.31
CA LEU A 448 17.56 5.32 -14.31
C LEU A 448 18.51 6.20 -15.12
N LYS A 449 19.81 5.98 -14.94
CA LYS A 449 20.83 6.67 -15.74
C LYS A 449 20.63 6.40 -17.22
N LEU A 450 20.50 5.12 -17.58
CA LEU A 450 20.37 4.73 -18.96
C LEU A 450 19.11 5.31 -19.60
N ALA A 451 18.00 5.30 -18.87
CA ALA A 451 16.77 5.91 -19.36
C ALA A 451 16.95 7.42 -19.57
N ALA A 452 17.60 8.06 -18.62
CA ALA A 452 17.86 9.51 -18.68
C ALA A 452 18.69 9.87 -19.90
N GLN A 453 19.65 9.02 -20.23
CA GLN A 453 20.51 9.23 -21.39
C GLN A 453 19.77 9.14 -22.72
N THR A 454 18.67 8.38 -22.77
CA THR A 454 17.94 8.22 -24.03
C THR A 454 17.18 9.48 -24.46
N PHE A 455 17.08 10.47 -23.59
CA PHE A 455 16.57 11.78 -23.99
C PHE A 455 17.48 12.54 -24.96
N ASN A 456 18.76 12.18 -24.98
CA ASN A 456 19.73 12.85 -25.84
C ASN A 456 20.41 11.95 -26.89
N LYS A 457 20.39 10.63 -26.68
CA LYS A 457 21.01 9.72 -27.66
C LYS A 457 20.49 8.28 -27.59
N ASP A 458 20.86 7.50 -28.60
CA ASP A 458 20.44 6.10 -28.74
C ASP A 458 21.17 5.19 -27.73
N VAL A 459 20.41 4.50 -26.88
CA VAL A 459 20.95 3.56 -25.89
C VAL A 459 21.81 2.47 -26.53
N LYS A 460 21.30 1.89 -27.62
CA LYS A 460 21.96 0.81 -28.35
C LYS A 460 23.35 1.20 -28.94
N GLN A 461 23.54 2.49 -29.20
CA GLN A 461 24.80 3.02 -29.75
C GLN A 461 25.81 3.48 -28.66
N LEU A 462 25.42 3.44 -27.38
CA LEU A 462 26.31 3.82 -26.28
C LEU A 462 27.02 2.59 -25.72
N SER A 463 28.28 2.77 -25.30
CA SER A 463 29.09 1.66 -24.77
C SER A 463 28.93 1.51 -23.24
N ALA A 464 29.52 0.44 -22.69
CA ALA A 464 29.36 0.04 -21.27
C ALA A 464 29.64 1.17 -20.27
N ALA A 465 28.65 1.46 -19.42
CA ALA A 465 28.71 2.51 -18.40
C ALA A 465 29.08 3.91 -18.93
N ALA A 466 28.91 4.15 -20.24
CA ALA A 466 29.31 5.44 -20.83
C ALA A 466 28.44 6.57 -20.29
N GLY A 467 29.08 7.70 -19.97
CA GLY A 467 28.39 8.83 -19.37
C GLY A 467 29.27 9.44 -18.31
#